data_3V2O
#
_entry.id   3V2O
#
_cell.length_a   38.266
_cell.length_b   49.569
_cell.length_c   41.059
_cell.angle_alpha   90.000
_cell.angle_beta   97.520
_cell.angle_gamma   90.000
#
_symmetry.space_group_name_H-M   'P 1 21 1'
#
loop_
_entity.id
_entity.type
_entity.pdbx_description
1 polymer 'Ankyrin repeat family A protein 2'
2 polymer 'Low-density lipoprotein receptor-related protein 2'
3 water water
#
loop_
_entity_poly.entity_id
_entity_poly.type
_entity_poly.pdbx_seq_one_letter_code
_entity_poly.pdbx_strand_id
1 'polypeptide(L)'
;MHHHHHHSSRENLYFQGANSLSVHQLAAQGEMLYLATRIEQENVINHTDEEGFTPLMWAAAHGQIAVVEFLLQNGADPQL
LGKGRESALSLACSKGYTDIVKMLLDCGVDVNEYDWNGGTPLLYAVHGNHVKCVKMLLESGADPTIETDSGYNSMDLAVA
LGYRSVQQVIESHLLKLLQNIKE
;
A
2 'polypeptide(L)' HYRKTGSLLPTLPKLPSLS B
#
# COMPACT_ATOMS: atom_id res chain seq x y z
N LEU A 21 -4.14 23.01 10.66
CA LEU A 21 -3.50 21.93 9.86
C LEU A 21 -4.55 21.09 9.14
N SER A 22 -4.31 20.85 7.85
CA SER A 22 -5.24 20.09 7.03
C SER A 22 -5.47 18.73 7.64
N VAL A 23 -6.62 18.13 7.32
CA VAL A 23 -6.95 16.81 7.81
C VAL A 23 -5.89 15.77 7.35
N HIS A 24 -5.29 16.00 6.20
CA HIS A 24 -4.25 15.11 5.68
C HIS A 24 -3.02 15.13 6.58
N GLN A 25 -2.64 16.33 6.97
CA GLN A 25 -1.51 16.54 7.84
C GLN A 25 -1.76 16.00 9.23
N LEU A 26 -2.93 16.26 9.79
CA LEU A 26 -3.28 15.70 11.09
C LEU A 26 -3.16 14.19 11.06
N ALA A 27 -3.63 13.57 9.97
CA ALA A 27 -3.55 12.13 9.80
C ALA A 27 -2.11 11.61 9.74
N ALA A 28 -1.27 12.28 8.94
CA ALA A 28 0.12 11.90 8.78
C ALA A 28 0.91 11.97 10.08
N GLN A 29 0.53 12.89 10.97
CA GLN A 29 1.25 13.07 12.23
C GLN A 29 0.69 12.26 13.39
N GLY A 30 -0.44 11.58 13.18
CA GLY A 30 -1.07 10.78 14.23
C GLY A 30 -1.67 11.61 15.34
N GLU A 31 -2.16 12.81 14.97
CA GLU A 31 -2.79 13.75 15.90
C GLU A 31 -4.26 13.38 16.14
N MET A 32 -4.46 12.34 16.93
CA MET A 32 -5.76 11.74 17.10
C MET A 32 -6.81 12.74 17.59
N LEU A 33 -6.46 13.60 18.55
CA LEU A 33 -7.44 14.54 19.10
C LEU A 33 -7.98 15.50 18.05
N TYR A 34 -7.08 16.27 17.43
CA TYR A 34 -7.44 17.29 16.45
C TYR A 34 -8.12 16.70 15.23
N LEU A 35 -7.73 15.48 14.88
CA LEU A 35 -8.32 14.78 13.76
C LEU A 35 -9.74 14.32 14.08
N ALA A 36 -9.94 13.79 15.28
CA ALA A 36 -11.27 13.36 15.70
C ALA A 36 -12.23 14.54 15.81
N THR A 37 -11.69 15.69 16.21
CA THR A 37 -12.45 16.94 16.31
C THR A 37 -12.94 17.40 14.94
N ARG A 38 -12.02 17.34 13.97
CA ARG A 38 -12.28 17.86 12.64
C ARG A 38 -13.34 17.07 11.89
N ILE A 39 -13.39 15.77 12.12
CA ILE A 39 -14.38 14.90 11.48
C ILE A 39 -15.80 15.22 11.98
N GLU A 40 -15.89 15.80 13.18
CA GLU A 40 -17.16 16.29 13.73
C GLU A 40 -17.63 17.55 13.02
N GLN A 41 -16.79 18.59 13.07
CA GLN A 41 -17.12 19.92 12.55
C GLN A 41 -17.56 19.91 11.09
N GLU A 42 -16.84 19.15 10.25
CA GLU A 42 -17.11 19.12 8.81
C GLU A 42 -17.09 17.67 8.30
N ASN A 43 -17.79 17.41 7.20
CA ASN A 43 -17.70 16.10 6.56
C ASN A 43 -16.52 16.09 5.58
N VAL A 44 -15.35 15.70 6.09
CA VAL A 44 -14.11 15.79 5.31
C VAL A 44 -13.29 14.50 5.34
N ILE A 45 -13.85 13.43 5.88
CA ILE A 45 -13.10 12.19 6.00
C ILE A 45 -12.53 11.67 4.67
N ASN A 46 -13.27 11.82 3.58
CA ASN A 46 -12.80 11.32 2.29
C ASN A 46 -12.34 12.42 1.35
N HIS A 47 -12.16 13.62 1.88
CA HIS A 47 -11.69 14.74 1.08
C HIS A 47 -10.30 14.47 0.57
N THR A 48 -10.14 14.62 -0.74
CA THR A 48 -8.86 14.41 -1.37
C THR A 48 -8.10 15.71 -1.45
N ASP A 49 -6.77 15.61 -1.46
CA ASP A 49 -5.92 16.76 -1.75
C ASP A 49 -5.66 16.85 -3.25
N GLU A 50 -4.76 17.74 -3.66
CA GLU A 50 -4.49 17.97 -5.07
C GLU A 50 -4.03 16.72 -5.84
N GLU A 51 -3.46 15.77 -5.13
CA GLU A 51 -2.90 14.59 -5.77
C GLU A 51 -3.84 13.39 -5.60
N GLY A 52 -5.04 13.70 -5.09
CA GLY A 52 -6.12 12.73 -4.94
C GLY A 52 -5.98 11.86 -3.72
N PHE A 53 -5.08 12.24 -2.82
CA PHE A 53 -4.80 11.45 -1.63
C PHE A 53 -5.82 11.74 -0.54
N THR A 54 -6.37 10.69 0.04
CA THR A 54 -7.30 10.80 1.14
C THR A 54 -6.49 10.85 2.45
N PRO A 55 -7.10 11.32 3.57
CA PRO A 55 -6.34 11.32 4.83
C PRO A 55 -5.83 9.93 5.17
N LEU A 56 -6.64 8.92 4.89
CA LEU A 56 -6.27 7.54 5.08
C LEU A 56 -4.97 7.18 4.35
N MET A 57 -4.79 7.72 3.15
CA MET A 57 -3.60 7.42 2.36
C MET A 57 -2.37 8.03 3.03
N TRP A 58 -2.50 9.28 3.47
CA TRP A 58 -1.47 9.95 4.26
C TRP A 58 -1.10 9.21 5.55
N ALA A 59 -2.11 8.62 6.20
CA ALA A 59 -1.91 7.91 7.44
C ALA A 59 -1.17 6.60 7.17
N ALA A 60 -1.57 5.92 6.09
CA ALA A 60 -0.93 4.68 5.67
C ALA A 60 0.51 4.96 5.30
N ALA A 61 0.74 6.06 4.58
CA ALA A 61 2.08 6.40 4.11
C ALA A 61 3.06 6.64 5.27
N HIS A 62 2.53 7.07 6.41
CA HIS A 62 3.35 7.41 7.57
C HIS A 62 3.22 6.41 8.71
N GLY A 63 2.65 5.25 8.42
CA GLY A 63 2.57 4.17 9.41
C GLY A 63 1.88 4.54 10.71
N GLN A 64 0.80 5.30 10.58
CA GLN A 64 -0.01 5.72 11.72
C GLN A 64 -1.15 4.71 11.95
N ILE A 65 -0.83 3.60 12.60
CA ILE A 65 -1.79 2.52 12.83
C ILE A 65 -3.04 3.05 13.51
N ALA A 66 -2.87 3.80 14.59
CA ALA A 66 -4.02 4.25 15.39
C ALA A 66 -4.97 5.08 14.55
N VAL A 67 -4.39 5.96 13.75
CA VAL A 67 -5.16 6.84 12.88
C VAL A 67 -5.88 6.07 11.78
N VAL A 68 -5.20 5.07 11.22
CA VAL A 68 -5.78 4.28 10.15
C VAL A 68 -7.02 3.60 10.72
N GLU A 69 -6.87 3.01 11.90
CA GLU A 69 -7.99 2.39 12.59
C GLU A 69 -9.13 3.37 12.84
N PHE A 70 -8.82 4.53 13.39
CA PHE A 70 -9.82 5.55 13.61
C PHE A 70 -10.56 5.93 12.32
N LEU A 71 -9.81 6.20 11.25
CA LEU A 71 -10.41 6.60 9.97
C LEU A 71 -11.33 5.52 9.37
N LEU A 72 -10.86 4.28 9.34
CA LEU A 72 -11.66 3.18 8.79
C LEU A 72 -12.95 2.99 9.60
N GLN A 73 -12.82 3.12 10.92
CA GLN A 73 -13.95 3.01 11.83
C GLN A 73 -14.93 4.15 11.68
N ASN A 74 -14.49 5.26 11.11
CA ASN A 74 -15.34 6.44 10.95
C ASN A 74 -15.70 6.84 9.51
N GLY A 75 -15.66 5.88 8.60
CA GLY A 75 -16.21 6.07 7.25
C GLY A 75 -15.25 6.29 6.09
N ALA A 76 -13.94 6.20 6.37
CA ALA A 76 -12.92 6.40 5.32
C ALA A 76 -12.94 5.24 4.33
N ASP A 77 -12.99 5.58 3.06
CA ASP A 77 -13.03 4.58 1.99
C ASP A 77 -11.62 4.14 1.59
N PRO A 78 -11.27 2.86 1.86
CA PRO A 78 -9.95 2.30 1.58
C PRO A 78 -9.69 2.01 0.09
N GLN A 79 -10.75 2.03 -0.71
CA GLN A 79 -10.61 1.72 -2.13
C GLN A 79 -10.37 2.95 -3.00
N LEU A 80 -10.48 4.15 -2.42
CA LEU A 80 -10.24 5.39 -3.17
C LEU A 80 -8.79 5.51 -3.59
N LEU A 81 -8.55 5.91 -4.84
CA LEU A 81 -7.18 5.93 -5.36
C LEU A 81 -6.71 7.34 -5.63
N GLY A 82 -5.40 7.52 -5.60
CA GLY A 82 -4.78 8.78 -5.97
C GLY A 82 -4.87 9.01 -7.48
N LYS A 83 -4.41 10.18 -7.91
CA LYS A 83 -4.46 10.62 -9.30
C LYS A 83 -3.68 9.65 -10.22
N GLY A 84 -2.53 9.19 -9.73
CA GLY A 84 -1.72 8.19 -10.43
C GLY A 84 -2.13 6.78 -10.09
N ARG A 85 -3.38 6.63 -9.63
CA ARG A 85 -3.94 5.36 -9.14
C ARG A 85 -3.23 4.75 -7.91
N GLU A 86 -2.52 5.58 -7.14
CA GLU A 86 -1.92 5.16 -5.87
C GLU A 86 -2.98 4.69 -4.90
N SER A 87 -2.68 3.63 -4.13
CA SER A 87 -3.60 3.11 -3.12
C SER A 87 -2.97 3.22 -1.72
N ALA A 88 -3.83 3.31 -0.71
CA ALA A 88 -3.40 3.19 0.69
C ALA A 88 -2.62 1.89 0.90
N LEU A 89 -3.09 0.79 0.30
CA LEU A 89 -2.38 -0.49 0.38
C LEU A 89 -0.93 -0.41 -0.17
N SER A 90 -0.75 0.03 -1.41
CA SER A 90 0.58 0.11 -1.96
CA SER A 90 0.58 0.17 -1.98
C SER A 90 1.49 1.04 -1.11
N LEU A 91 0.94 2.14 -0.62
CA LEU A 91 1.73 3.08 0.20
C LEU A 91 2.22 2.40 1.49
N ALA A 92 1.33 1.65 2.15
CA ALA A 92 1.72 0.94 3.35
C ALA A 92 2.67 -0.22 3.01
N CYS A 93 2.44 -0.90 1.88
CA CYS A 93 3.30 -1.99 1.41
C CYS A 93 4.71 -1.54 1.11
N SER A 94 4.82 -0.38 0.51
CA SER A 94 6.13 0.14 0.13
C SER A 94 7.05 0.43 1.32
N LYS A 95 6.46 0.73 2.47
CA LYS A 95 7.19 1.02 3.71
C LYS A 95 7.27 -0.18 4.68
N GLY A 96 6.60 -1.26 4.36
CA GLY A 96 6.57 -2.39 5.25
C GLY A 96 5.79 -2.19 6.54
N TYR A 97 4.69 -1.44 6.47
CA TYR A 97 3.83 -1.22 7.64
C TYR A 97 2.84 -2.39 7.69
N THR A 98 3.34 -3.55 8.10
CA THR A 98 2.56 -4.80 8.15
C THR A 98 1.17 -4.71 8.84
N ASP A 99 1.09 -3.97 9.94
CA ASP A 99 -0.16 -3.89 10.68
C ASP A 99 -1.25 -3.13 9.93
N ILE A 100 -0.85 -2.08 9.22
CA ILE A 100 -1.75 -1.36 8.33
C ILE A 100 -2.14 -2.19 7.10
N VAL A 101 -1.21 -2.99 6.58
CA VAL A 101 -1.49 -3.78 5.40
C VAL A 101 -2.59 -4.79 5.76
N LYS A 102 -2.45 -5.44 6.90
CA LYS A 102 -3.44 -6.41 7.36
C LYS A 102 -4.82 -5.76 7.42
N MET A 103 -4.91 -4.60 8.07
CA MET A 103 -6.18 -3.89 8.25
C MET A 103 -6.84 -3.60 6.91
N LEU A 104 -6.05 -3.12 5.96
CA LEU A 104 -6.56 -2.74 4.65
C LEU A 104 -6.90 -3.97 3.83
N LEU A 105 -6.11 -5.03 3.94
CA LEU A 105 -6.44 -6.30 3.29
C LEU A 105 -7.76 -6.80 3.82
N ASP A 106 -7.97 -6.59 5.11
CA ASP A 106 -9.21 -7.00 5.77
C ASP A 106 -10.42 -6.16 5.33
N CYS A 107 -10.17 -4.97 4.78
CA CYS A 107 -11.23 -4.17 4.15
C CYS A 107 -11.71 -4.77 2.84
N GLY A 108 -10.91 -5.65 2.25
CA GLY A 108 -11.30 -6.29 0.99
C GLY A 108 -10.94 -5.50 -0.27
N VAL A 109 -9.89 -4.68 -0.16
CA VAL A 109 -9.33 -3.95 -1.29
C VAL A 109 -8.75 -4.95 -2.30
N ASP A 110 -8.65 -4.54 -3.56
CA ASP A 110 -8.00 -5.37 -4.60
C ASP A 110 -6.51 -5.39 -4.36
N VAL A 111 -5.93 -6.58 -4.38
CA VAL A 111 -4.50 -6.76 -4.12
C VAL A 111 -3.66 -6.61 -5.39
N ASN A 112 -4.28 -6.76 -6.55
CA ASN A 112 -3.56 -6.87 -7.81
C ASN A 112 -3.64 -5.64 -8.72
N GLU A 113 -4.07 -4.51 -8.18
CA GLU A 113 -4.24 -3.30 -8.98
C GLU A 113 -2.91 -2.58 -9.20
N TYR A 114 -2.73 -2.07 -10.42
CA TYR A 114 -1.54 -1.35 -10.86
C TYR A 114 -1.76 0.14 -10.76
N ASP A 115 -0.70 0.90 -10.54
CA ASP A 115 -0.80 2.34 -10.66
C ASP A 115 -0.08 2.79 -11.95
N TRP A 116 -0.02 4.11 -12.17
CA TRP A 116 0.65 4.67 -13.35
C TRP A 116 2.17 4.50 -13.37
N ASN A 117 2.76 4.25 -12.19
CA ASN A 117 4.20 4.04 -12.02
C ASN A 117 4.50 2.55 -12.26
N GLY A 118 3.47 1.82 -12.70
CA GLY A 118 3.61 0.40 -13.00
C GLY A 118 3.72 -0.51 -11.79
N GLY A 119 3.52 0.03 -10.59
CA GLY A 119 3.67 -0.73 -9.36
C GLY A 119 2.36 -1.32 -8.90
N THR A 120 2.46 -2.47 -8.21
CA THR A 120 1.36 -3.12 -7.49
C THR A 120 1.82 -3.21 -6.03
N PRO A 121 0.92 -3.57 -5.09
CA PRO A 121 1.30 -3.74 -3.68
C PRO A 121 2.42 -4.77 -3.50
N LEU A 122 2.37 -5.89 -4.24
CA LEU A 122 3.43 -6.88 -4.17
C LEU A 122 4.77 -6.38 -4.65
N LEU A 123 4.78 -5.67 -5.78
CA LEU A 123 6.02 -5.09 -6.33
C LEU A 123 6.64 -4.05 -5.41
N TYR A 124 5.82 -3.29 -4.68
CA TYR A 124 6.36 -2.30 -3.73
C TYR A 124 6.88 -2.96 -2.46
N ALA A 125 6.21 -4.03 -2.03
CA ALA A 125 6.67 -4.83 -0.92
C ALA A 125 7.99 -5.48 -1.26
N VAL A 126 8.08 -6.06 -2.46
CA VAL A 126 9.31 -6.71 -2.90
C VAL A 126 10.43 -5.66 -2.97
N HIS A 127 10.13 -4.51 -3.58
CA HIS A 127 11.14 -3.46 -3.80
C HIS A 127 11.73 -2.99 -2.49
N GLY A 128 10.90 -2.94 -1.45
CA GLY A 128 11.33 -2.47 -0.14
C GLY A 128 11.92 -3.55 0.74
N ASN A 129 12.03 -4.77 0.22
CA ASN A 129 12.50 -5.92 1.00
C ASN A 129 11.63 -6.14 2.26
N HIS A 130 10.31 -6.07 2.10
CA HIS A 130 9.39 -6.26 3.21
C HIS A 130 8.82 -7.67 3.21
N VAL A 131 9.55 -8.61 3.81
CA VAL A 131 9.21 -10.03 3.68
C VAL A 131 7.86 -10.36 4.27
N LYS A 132 7.53 -9.76 5.41
CA LYS A 132 6.28 -10.08 6.09
C LYS A 132 5.11 -9.60 5.25
N CYS A 133 5.24 -8.41 4.67
CA CYS A 133 4.23 -7.84 3.77
C CYS A 133 4.02 -8.70 2.54
N VAL A 134 5.12 -9.22 1.98
CA VAL A 134 5.05 -10.06 0.80
C VAL A 134 4.26 -11.32 1.14
N LYS A 135 4.58 -11.91 2.30
CA LYS A 135 3.90 -13.14 2.73
C LYS A 135 2.41 -12.91 2.84
N MET A 136 2.07 -11.78 3.47
CA MET A 136 0.69 -11.41 3.73
C MET A 136 -0.11 -11.17 2.46
N LEU A 137 0.49 -10.46 1.50
CA LEU A 137 -0.11 -10.24 0.18
C LEU A 137 -0.38 -11.54 -0.57
N LEU A 138 0.62 -12.42 -0.60
CA LEU A 138 0.50 -13.68 -1.30
C LEU A 138 -0.63 -14.54 -0.71
N GLU A 139 -0.82 -14.42 0.61
CA GLU A 139 -1.83 -15.18 1.34
C GLU A 139 -3.22 -14.59 1.06
N SER A 140 -3.25 -13.29 0.72
CA SER A 140 -4.48 -12.58 0.39
C SER A 140 -4.85 -12.62 -1.12
N GLY A 141 -4.06 -13.32 -1.92
CA GLY A 141 -4.37 -13.52 -3.33
C GLY A 141 -3.56 -12.69 -4.30
N ALA A 142 -2.48 -12.06 -3.84
CA ALA A 142 -1.61 -11.30 -4.74
C ALA A 142 -0.87 -12.31 -5.62
N ASP A 143 -0.88 -12.07 -6.91
CA ASP A 143 -0.36 -13.03 -7.90
C ASP A 143 1.08 -12.63 -8.29
N PRO A 144 2.07 -13.45 -7.89
CA PRO A 144 3.46 -13.10 -8.13
C PRO A 144 3.94 -13.23 -9.57
N THR A 145 3.09 -13.70 -10.48
CA THR A 145 3.46 -13.88 -11.89
C THR A 145 2.92 -12.79 -12.80
N ILE A 146 2.21 -11.81 -12.24
CA ILE A 146 1.72 -10.69 -13.04
C ILE A 146 2.94 -9.81 -13.33
N GLU A 147 3.05 -9.32 -14.56
CA GLU A 147 4.24 -8.60 -15.01
C GLU A 147 3.96 -7.13 -15.15
N THR A 148 5.01 -6.30 -15.02
CA THR A 148 4.92 -4.89 -15.42
C THR A 148 4.90 -4.81 -16.94
N ASP A 149 4.68 -3.61 -17.48
CA ASP A 149 4.78 -3.44 -18.94
C ASP A 149 6.18 -3.77 -19.47
N SER A 150 7.17 -3.82 -18.57
CA SER A 150 8.56 -4.13 -18.91
C SER A 150 8.81 -5.60 -19.06
N GLY A 151 7.86 -6.43 -18.63
CA GLY A 151 7.98 -7.86 -18.81
C GLY A 151 8.52 -8.64 -17.62
N TYR A 152 8.70 -7.96 -16.49
CA TYR A 152 9.16 -8.64 -15.29
C TYR A 152 8.04 -8.78 -14.26
N ASN A 153 8.07 -9.89 -13.53
CA ASN A 153 7.13 -10.12 -12.44
C ASN A 153 7.80 -9.94 -11.08
N SER A 154 7.11 -10.33 -9.99
CA SER A 154 7.60 -10.07 -8.64
CA SER A 154 7.59 -10.08 -8.63
C SER A 154 8.80 -10.94 -8.31
N MET A 155 8.77 -12.20 -8.77
CA MET A 155 9.90 -13.11 -8.63
C MET A 155 11.10 -12.52 -9.36
N ASP A 156 10.92 -12.13 -10.61
CA ASP A 156 11.99 -11.48 -11.38
C ASP A 156 12.62 -10.32 -10.62
N LEU A 157 11.79 -9.47 -10.01
CA LEU A 157 12.26 -8.28 -9.30
C LEU A 157 13.06 -8.63 -8.05
N ALA A 158 12.59 -9.64 -7.33
CA ALA A 158 13.25 -10.13 -6.14
C ALA A 158 14.62 -10.70 -6.50
N VAL A 159 14.68 -11.46 -7.59
CA VAL A 159 15.95 -12.02 -8.08
C VAL A 159 16.86 -10.86 -8.52
N ALA A 160 16.33 -9.93 -9.29
CA ALA A 160 17.13 -8.81 -9.77
C ALA A 160 17.77 -8.02 -8.63
N LEU A 161 17.03 -7.74 -7.57
CA LEU A 161 17.51 -6.93 -6.43
C LEU A 161 18.30 -7.72 -5.38
N GLY A 162 18.30 -9.05 -5.48
CA GLY A 162 19.08 -9.90 -4.59
C GLY A 162 18.46 -10.05 -3.20
N TYR A 163 17.14 -10.03 -3.16
CA TYR A 163 16.43 -10.21 -1.91
C TYR A 163 16.08 -11.67 -1.74
N ARG A 164 16.99 -12.41 -1.11
CA ARG A 164 16.90 -13.87 -1.07
C ARG A 164 15.73 -14.41 -0.25
N SER A 165 15.44 -13.76 0.89
CA SER A 165 14.32 -14.16 1.74
C SER A 165 12.99 -13.95 1.01
N VAL A 166 12.85 -12.78 0.39
CA VAL A 166 11.67 -12.45 -0.46
C VAL A 166 11.50 -13.46 -1.60
N GLN A 167 12.60 -13.73 -2.33
CA GLN A 167 12.63 -14.77 -3.38
C GLN A 167 12.09 -16.11 -2.88
N GLN A 168 12.57 -16.54 -1.73
CA GLN A 168 12.19 -17.85 -1.19
C GLN A 168 10.70 -17.97 -0.84
N VAL A 169 10.16 -16.89 -0.29
CA VAL A 169 8.75 -16.80 0.07
C VAL A 169 7.89 -16.91 -1.19
N ILE A 170 8.30 -16.20 -2.23
CA ILE A 170 7.55 -16.22 -3.47
C ILE A 170 7.68 -17.58 -4.16
N GLU A 171 8.89 -18.12 -4.22
CA GLU A 171 9.12 -19.41 -4.86
C GLU A 171 8.39 -20.53 -4.13
N SER A 172 8.40 -20.46 -2.80
CA SER A 172 7.69 -21.39 -1.94
C SER A 172 6.18 -21.43 -2.22
N HIS A 173 5.60 -20.24 -2.34
CA HIS A 173 4.18 -20.06 -2.63
C HIS A 173 3.80 -20.68 -3.98
N LEU A 174 4.56 -20.32 -5.00
CA LEU A 174 4.40 -20.86 -6.35
C LEU A 174 4.46 -22.37 -6.35
N LEU A 175 5.48 -22.91 -5.68
CA LEU A 175 5.68 -24.36 -5.61
C LEU A 175 4.48 -25.06 -4.99
N LYS A 176 3.90 -24.47 -3.95
CA LYS A 176 2.74 -25.07 -3.30
C LYS A 176 1.51 -25.10 -4.21
N LEU A 177 1.37 -24.09 -5.08
CA LEU A 177 0.29 -24.06 -6.07
C LEU A 177 0.41 -25.14 -7.16
N LEU A 178 1.62 -25.40 -7.63
CA LEU A 178 1.81 -26.32 -8.74
C LEU A 178 1.86 -27.77 -8.28
N LEU B 9 4.63 15.12 0.98
CA LEU B 9 3.79 14.44 -0.04
C LEU B 9 4.15 12.94 -0.13
N PRO B 10 3.23 12.06 0.31
CA PRO B 10 3.45 10.62 0.29
C PRO B 10 3.89 10.12 -1.09
N THR B 11 4.99 9.37 -1.14
CA THR B 11 5.60 9.01 -2.42
C THR B 11 5.91 7.53 -2.50
N LEU B 12 5.71 6.97 -3.68
CA LEU B 12 6.10 5.60 -3.95
C LEU B 12 7.42 5.62 -4.69
N PRO B 13 8.27 4.61 -4.43
CA PRO B 13 9.56 4.47 -5.11
C PRO B 13 9.40 4.27 -6.60
N LYS B 14 10.31 4.85 -7.36
CA LYS B 14 10.34 4.63 -8.79
C LYS B 14 10.80 3.20 -8.99
N LEU B 15 10.00 2.40 -9.68
CA LEU B 15 10.34 1.00 -9.93
C LEU B 15 11.10 0.85 -11.27
N PRO B 16 11.89 -0.24 -11.40
CA PRO B 16 12.63 -0.52 -12.63
C PRO B 16 11.76 -0.52 -13.89
N SER B 17 12.26 0.12 -14.93
CA SER B 17 11.54 0.32 -16.17
C SER B 17 12.47 -0.06 -17.32
N LEU B 18 12.18 -1.16 -18.02
CA LEU B 18 13.07 -1.68 -19.05
C LEU B 18 12.60 -1.29 -20.43
N SER B 19 13.53 -0.90 -21.30
CA SER B 19 13.20 -0.62 -22.70
C SER B 19 12.83 -1.89 -23.46
#